data_6WBS
#
_entry.id   6WBS
#
_cell.length_a   62.396
_cell.length_b   81.660
_cell.length_c   100.404
_cell.angle_alpha   90.000
_cell.angle_beta   90.000
_cell.angle_gamma   90.000
#
_symmetry.space_group_name_H-M   'P 21 21 21'
#
loop_
_entity.id
_entity.type
_entity.pdbx_description
1 polymer 'Cystic fibrosis transmembrane conductance regulator'
2 non-polymer "ADENOSINE-5'-TRIPHOSPHATE"
3 non-polymer 'MAGNESIUM ION'
4 water water
#
_entity_poly.entity_id   1
_entity_poly.type   'polypeptide(L)'
_entity_poly.pdbx_seq_one_letter_code
;TTTEVVMENVTAFWEEGGTPVLKDINFKIERGQLLAVAGSTGAGKTSLLMVIMGELEPSEGKIKHSGRISFCSQFSWIMP
GTIKENIIGDSYDEYRYRSVIKACQLEEDISKFAEKDNIVLGEGGITLSGGQRARISLARAVYKDADLYLLDSPFGYLDV
LTEKEIFESCVCKLMANKTRILVTSKMEHLKKADKILILHEGSSYFYGTFSELQNLQPDFSSKLMG
;
_entity_poly.pdbx_strand_id   A,B
#
loop_
_chem_comp.id
_chem_comp.type
_chem_comp.name
_chem_comp.formula
ATP non-polymer ADENOSINE-5'-TRIPHOSPHATE 'C10 H16 N5 O13 P3'
MG non-polymer 'MAGNESIUM ION' 'Mg 2'
#
# COMPACT_ATOMS: atom_id res chain seq x y z
N THR A 1 -7.08 -5.44 15.16
CA THR A 1 -6.27 -6.62 14.84
C THR A 1 -4.82 -6.24 14.54
N THR A 2 -3.88 -6.85 15.27
CA THR A 2 -2.48 -6.55 15.03
C THR A 2 -1.87 -7.34 13.88
N THR A 3 -2.59 -8.31 13.29
CA THR A 3 -1.95 -9.22 12.32
C THR A 3 -1.84 -8.54 10.96
N GLU A 4 -0.64 -8.55 10.39
CA GLU A 4 -0.41 -7.86 9.13
C GLU A 4 -0.18 -8.79 7.96
N VAL A 5 0.55 -9.90 8.16
CA VAL A 5 0.84 -10.83 7.07
C VAL A 5 0.54 -12.25 7.52
N VAL A 6 -0.24 -12.95 6.71
CA VAL A 6 -0.59 -14.34 6.97
C VAL A 6 -0.35 -15.12 5.70
N MET A 7 0.42 -16.19 5.82
CA MET A 7 0.52 -17.18 4.77
C MET A 7 -0.04 -18.48 5.31
N GLU A 8 -0.99 -19.07 4.58
CA GLU A 8 -1.67 -20.30 4.98
C GLU A 8 -1.47 -21.35 3.90
N ASN A 9 -0.72 -22.40 4.24
CA ASN A 9 -0.56 -23.60 3.42
C ASN A 9 -0.26 -23.26 1.97
N VAL A 10 0.69 -22.34 1.77
CA VAL A 10 1.04 -21.94 0.41
C VAL A 10 1.95 -22.95 -0.28
N THR A 11 1.54 -23.40 -1.47
CA THR A 11 2.37 -24.14 -2.40
C THR A 11 2.43 -23.36 -3.69
N ALA A 12 3.60 -23.31 -4.32
CA ALA A 12 3.74 -22.50 -5.52
C ALA A 12 4.72 -23.12 -6.47
N PHE A 13 4.50 -22.87 -7.76
CA PHE A 13 5.33 -23.33 -8.85
C PHE A 13 5.72 -22.15 -9.72
N TRP A 14 7.01 -22.08 -10.09
CA TRP A 14 7.41 -21.14 -11.14
C TRP A 14 7.09 -21.67 -12.53
N GLU A 15 7.17 -22.98 -12.73
CA GLU A 15 6.94 -23.62 -14.02
C GLU A 15 5.75 -24.56 -13.89
N GLU A 16 4.80 -24.45 -14.84
CA GLU A 16 3.72 -25.43 -14.91
C GLU A 16 4.31 -26.82 -15.20
N GLY A 17 3.91 -27.79 -14.38
CA GLY A 17 4.45 -29.12 -14.52
C GLY A 17 5.81 -29.33 -13.87
N GLY A 18 6.42 -28.27 -13.36
CA GLY A 18 7.70 -28.37 -12.69
C GLY A 18 7.55 -28.86 -11.27
N THR A 19 8.67 -28.79 -10.53
CA THR A 19 8.72 -29.06 -9.10
C THR A 19 8.25 -27.82 -8.32
N PRO A 20 7.50 -27.98 -7.23
CA PRO A 20 7.09 -26.80 -6.47
C PRO A 20 8.31 -26.11 -5.85
N VAL A 21 8.30 -24.78 -5.89
CA VAL A 21 9.38 -24.02 -5.28
C VAL A 21 9.11 -23.73 -3.81
N LEU A 22 7.87 -23.79 -3.39
CA LEU A 22 7.42 -23.63 -2.01
C LEU A 22 6.36 -24.70 -1.79
N LYS A 23 6.40 -25.34 -0.63
CA LYS A 23 5.46 -26.41 -0.30
C LYS A 23 4.92 -26.21 1.10
N ASP A 24 3.61 -26.03 1.20
CA ASP A 24 2.87 -25.90 2.46
C ASP A 24 3.55 -24.96 3.46
N ILE A 25 3.81 -23.73 3.01
CA ILE A 25 4.41 -22.72 3.86
C ILE A 25 3.37 -21.99 4.69
N ASN A 26 3.70 -21.78 5.97
CA ASN A 26 2.83 -21.07 6.90
C ASN A 26 3.66 -20.09 7.73
N PHE A 27 3.10 -18.92 7.96
CA PHE A 27 3.66 -18.00 8.96
C PHE A 27 2.61 -16.93 9.20
N LYS A 28 2.80 -16.18 10.27
CA LYS A 28 1.99 -15.03 10.62
C LYS A 28 2.91 -13.99 11.22
N ILE A 29 2.79 -12.73 10.77
CA ILE A 29 3.58 -11.65 11.33
C ILE A 29 2.63 -10.59 11.84
N GLU A 30 2.80 -10.17 13.11
CA GLU A 30 2.03 -9.07 13.69
C GLU A 30 2.71 -7.76 13.38
N ARG A 31 1.96 -6.68 13.51
CA ARG A 31 2.49 -5.35 13.19
C ARG A 31 3.74 -5.04 14.01
N GLY A 32 4.77 -4.55 13.35
CA GLY A 32 6.00 -4.20 14.06
C GLY A 32 6.96 -5.32 14.32
N GLN A 33 6.64 -6.55 13.95
CA GLN A 33 7.52 -7.67 14.21
C GLN A 33 8.56 -7.81 13.09
N LEU A 34 9.66 -8.48 13.44
CA LEU A 34 10.71 -8.86 12.50
C LEU A 34 10.68 -10.38 12.32
N LEU A 35 10.42 -10.82 11.10
CA LEU A 35 10.55 -12.22 10.72
C LEU A 35 11.86 -12.39 9.95
N ALA A 36 12.70 -13.31 10.43
CA ALA A 36 13.92 -13.71 9.73
C ALA A 36 13.59 -14.92 8.88
N VAL A 37 14.01 -14.91 7.61
CA VAL A 37 13.80 -16.04 6.71
C VAL A 37 15.18 -16.54 6.32
N ALA A 38 15.42 -17.82 6.58
CA ALA A 38 16.73 -18.41 6.38
C ALA A 38 16.64 -19.70 5.57
N GLY A 39 17.80 -20.18 5.16
CA GLY A 39 17.87 -21.40 4.39
C GLY A 39 18.96 -21.31 3.37
N SER A 40 19.38 -22.48 2.90
CA SER A 40 20.52 -22.55 2.00
CA SER A 40 20.51 -22.58 1.99
C SER A 40 20.15 -22.03 0.61
N THR A 41 21.16 -21.92 -0.24
CA THR A 41 20.94 -21.41 -1.58
C THR A 41 19.89 -22.24 -2.30
N GLY A 42 18.96 -21.54 -2.94
CA GLY A 42 17.88 -22.20 -3.67
C GLY A 42 16.74 -22.74 -2.85
N ALA A 43 16.69 -22.45 -1.55
CA ALA A 43 15.69 -23.05 -0.68
C ALA A 43 14.29 -22.49 -0.91
N GLY A 44 14.19 -21.28 -1.51
CA GLY A 44 12.94 -20.66 -1.86
C GLY A 44 12.68 -19.32 -1.17
N LYS A 45 13.74 -18.70 -0.65
CA LYS A 45 13.57 -17.49 0.17
C LYS A 45 13.07 -16.31 -0.66
N THR A 46 13.71 -16.04 -1.78
CA THR A 46 13.25 -14.95 -2.63
C THR A 46 11.88 -15.28 -3.23
N SER A 47 11.65 -16.56 -3.51
CA SER A 47 10.35 -16.97 -4.04
C SER A 47 9.24 -16.69 -3.04
N LEU A 48 9.50 -16.91 -1.75
CA LEU A 48 8.54 -16.57 -0.71
C LEU A 48 8.18 -15.09 -0.76
N LEU A 49 9.17 -14.20 -0.92
CA LEU A 49 8.87 -12.76 -1.02
C LEU A 49 8.06 -12.46 -2.27
N MET A 50 8.34 -13.16 -3.37
CA MET A 50 7.60 -12.94 -4.61
C MET A 50 6.14 -13.33 -4.44
N VAL A 51 5.87 -14.33 -3.61
CA VAL A 51 4.48 -14.65 -3.31
C VAL A 51 3.85 -13.48 -2.56
N ILE A 52 4.58 -12.93 -1.58
CA ILE A 52 4.02 -11.83 -0.78
C ILE A 52 3.74 -10.63 -1.66
N MET A 53 4.58 -10.39 -2.66
CA MET A 53 4.43 -9.23 -3.52
C MET A 53 3.45 -9.48 -4.65
N GLY A 54 2.97 -10.70 -4.82
CA GLY A 54 2.03 -10.97 -5.89
C GLY A 54 2.67 -11.32 -7.20
N GLU A 55 4.00 -11.51 -7.24
CA GLU A 55 4.67 -11.84 -8.48
C GLU A 55 4.64 -13.33 -8.77
N LEU A 56 4.46 -14.14 -7.73
CA LEU A 56 4.36 -15.59 -7.82
C LEU A 56 3.03 -15.97 -7.19
N GLU A 57 2.11 -16.48 -7.99
CA GLU A 57 0.78 -16.84 -7.48
C GLU A 57 0.77 -18.26 -6.91
N PRO A 58 0.24 -18.45 -5.71
CA PRO A 58 0.13 -19.79 -5.14
C PRO A 58 -0.77 -20.70 -5.97
N SER A 59 -0.44 -21.98 -6.01
CA SER A 59 -1.35 -22.95 -6.61
C SER A 59 -2.29 -23.53 -5.57
N GLU A 60 -1.95 -23.42 -4.28
CA GLU A 60 -2.89 -23.66 -3.22
C GLU A 60 -2.45 -22.84 -2.02
N GLY A 61 -3.39 -22.63 -1.10
CA GLY A 61 -3.16 -21.78 0.04
C GLY A 61 -3.44 -20.32 -0.26
N LYS A 62 -3.19 -19.49 0.75
CA LYS A 62 -3.58 -18.10 0.70
C LYS A 62 -2.47 -17.24 1.28
N ILE A 63 -2.21 -16.10 0.65
CA ILE A 63 -1.37 -15.03 1.20
C ILE A 63 -2.30 -13.85 1.47
N LYS A 64 -2.34 -13.41 2.73
CA LYS A 64 -3.22 -12.35 3.18
C LYS A 64 -2.39 -11.15 3.59
N HIS A 65 -2.48 -10.08 2.82
CA HIS A 65 -1.76 -8.87 3.15
C HIS A 65 -2.37 -7.71 2.39
N SER A 66 -2.51 -6.59 3.06
CA SER A 66 -2.98 -5.37 2.43
C SER A 66 -2.10 -4.25 2.94
N GLY A 67 -1.36 -3.60 2.05
CA GLY A 67 -0.52 -2.50 2.50
C GLY A 67 0.60 -2.25 1.51
N ARG A 68 1.29 -1.16 1.72
CA ARG A 68 2.40 -0.82 0.85
C ARG A 68 3.64 -1.65 1.18
N ILE A 69 4.23 -2.25 0.17
CA ILE A 69 5.47 -3.03 0.34
C ILE A 69 6.66 -2.23 -0.19
N SER A 70 7.75 -2.24 0.57
CA SER A 70 9.05 -1.76 0.14
C SER A 70 10.00 -2.95 0.09
N PHE A 71 10.58 -3.20 -1.08
CA PHE A 71 11.40 -4.38 -1.39
C PHE A 71 12.83 -3.95 -1.67
N CYS A 72 13.79 -4.57 -0.95
CA CYS A 72 15.24 -4.44 -1.18
C CYS A 72 15.70 -5.75 -1.78
N SER A 73 16.05 -5.71 -3.07
CA SER A 73 16.44 -6.90 -3.81
C SER A 73 17.80 -7.39 -3.34
N GLN A 74 18.06 -8.70 -3.46
CA GLN A 74 19.40 -9.17 -3.07
C GLN A 74 20.45 -8.80 -4.11
N PHE A 75 20.00 -8.32 -5.27
CA PHE A 75 20.84 -7.87 -6.39
C PHE A 75 20.64 -6.36 -6.39
N SER A 76 21.51 -5.70 -5.66
CA SER A 76 21.37 -4.28 -5.40
CA SER A 76 21.37 -4.27 -5.40
C SER A 76 21.51 -3.50 -6.70
N TRP A 77 20.61 -2.53 -6.90
CA TRP A 77 20.50 -1.83 -8.17
C TRP A 77 20.42 -0.33 -7.99
N ILE A 78 20.90 0.36 -9.00
CA ILE A 78 21.00 1.83 -9.03
C ILE A 78 20.24 2.31 -10.24
N MET A 79 19.46 3.34 -10.07
CA MET A 79 18.85 4.05 -11.18
C MET A 79 19.74 5.20 -11.62
N PRO A 80 19.63 5.59 -12.89
CA PRO A 80 20.16 6.89 -13.29
C PRO A 80 19.51 8.00 -12.48
N GLY A 81 20.31 8.96 -12.07
CA GLY A 81 19.87 10.00 -11.17
C GLY A 81 20.89 10.18 -10.07
N THR A 82 20.62 11.18 -9.23
CA THR A 82 21.54 11.43 -8.13
C THR A 82 21.39 10.37 -7.04
N ILE A 83 22.36 10.38 -6.12
CA ILE A 83 22.24 9.55 -4.94
C ILE A 83 20.96 9.91 -4.17
N LYS A 84 20.74 11.19 -3.94
CA LYS A 84 19.52 11.63 -3.26
C LYS A 84 18.26 11.19 -4.00
N GLU A 85 18.23 11.35 -5.33
CA GLU A 85 17.04 10.92 -6.07
C GLU A 85 16.85 9.40 -6.00
N ASN A 86 17.96 8.63 -6.01
CA ASN A 86 17.85 7.18 -5.92
C ASN A 86 17.18 6.76 -4.61
N ILE A 87 17.35 7.54 -3.55
CA ILE A 87 16.88 7.16 -2.22
C ILE A 87 15.49 7.69 -1.91
N ILE A 88 15.20 8.92 -2.31
CA ILE A 88 14.03 9.60 -1.77
C ILE A 88 12.74 9.28 -2.53
N GLY A 89 12.82 9.04 -3.83
CA GLY A 89 11.58 8.79 -4.55
C GLY A 89 10.69 10.02 -4.53
N ASP A 90 9.43 9.83 -4.13
CA ASP A 90 8.38 10.81 -4.38
C ASP A 90 8.02 11.69 -3.19
N SER A 91 8.59 11.46 -2.01
CA SER A 91 8.18 12.16 -0.79
C SER A 91 9.43 12.59 -0.05
N TYR A 92 9.63 13.88 0.12
CA TYR A 92 10.83 14.38 0.79
C TYR A 92 10.52 14.66 2.25
N ASP A 93 11.35 14.12 3.12
CA ASP A 93 11.30 14.32 4.57
C ASP A 93 12.78 14.42 4.95
N GLU A 94 13.26 15.64 5.16
CA GLU A 94 14.72 15.83 5.32
C GLU A 94 15.24 15.07 6.53
N TYR A 95 14.52 15.13 7.65
CA TYR A 95 14.97 14.45 8.86
C TYR A 95 15.03 12.95 8.65
N ARG A 96 14.02 12.39 7.98
CA ARG A 96 14.04 10.94 7.73
C ARG A 96 15.17 10.57 6.77
N TYR A 97 15.40 11.39 5.75
CA TYR A 97 16.49 11.12 4.81
C TYR A 97 17.85 11.10 5.53
N ARG A 98 18.12 12.12 6.35
CA ARG A 98 19.37 12.15 7.12
C ARG A 98 19.50 10.92 8.01
N SER A 99 18.41 10.47 8.62
N SER A 99 18.41 10.50 8.64
CA SER A 99 18.50 9.33 9.52
CA SER A 99 18.48 9.34 9.52
C SER A 99 18.79 8.05 8.76
C SER A 99 18.82 8.08 8.74
N VAL A 100 18.28 7.93 7.54
CA VAL A 100 18.54 6.74 6.73
C VAL A 100 19.97 6.77 6.19
N ILE A 101 20.43 7.93 5.72
CA ILE A 101 21.81 8.06 5.29
C ILE A 101 22.75 7.65 6.41
N LYS A 102 22.44 8.07 7.64
CA LYS A 102 23.31 7.78 8.77
C LYS A 102 23.32 6.29 9.06
N ALA A 103 22.12 5.68 9.11
CA ALA A 103 21.99 4.29 9.51
C ALA A 103 22.61 3.35 8.47
N CYS A 104 22.67 3.76 7.20
CA CYS A 104 23.30 2.97 6.15
C CYS A 104 24.74 3.37 5.89
N GLN A 105 25.32 4.18 6.77
CA GLN A 105 26.74 4.60 6.72
C GLN A 105 27.12 5.26 5.41
N LEU A 106 26.18 6.02 4.83
CA LEU A 106 26.44 6.64 3.55
C LEU A 106 27.07 8.03 3.65
N GLU A 107 27.21 8.60 4.85
CA GLU A 107 27.74 9.95 4.99
C GLU A 107 29.18 10.04 4.51
N GLU A 108 30.01 9.07 4.89
CA GLU A 108 31.41 9.05 4.47
C GLU A 108 31.53 8.91 2.95
N ASP A 109 30.68 8.09 2.34
CA ASP A 109 30.72 7.96 0.88
C ASP A 109 30.33 9.28 0.19
N ILE A 110 29.20 9.86 0.61
CA ILE A 110 28.73 11.11 0.03
C ILE A 110 29.76 12.23 0.22
N SER A 111 30.39 12.28 1.38
CA SER A 111 31.32 13.38 1.66
C SER A 111 32.48 13.44 0.68
N LYS A 112 32.77 12.36 -0.03
CA LYS A 112 33.92 12.30 -0.91
C LYS A 112 33.62 12.80 -2.32
N PHE A 113 32.39 13.19 -2.60
CA PHE A 113 32.02 13.76 -3.89
C PHE A 113 31.88 15.28 -3.79
N ALA A 114 32.44 15.99 -4.77
CA ALA A 114 32.28 17.45 -4.79
C ALA A 114 30.81 17.85 -4.79
N GLU A 115 30.00 17.13 -5.57
CA GLU A 115 28.56 17.38 -5.65
C GLU A 115 27.80 16.75 -4.49
N LYS A 116 28.48 16.07 -3.56
CA LYS A 116 27.84 15.42 -2.42
C LYS A 116 26.73 14.49 -2.94
N ASP A 117 25.54 14.47 -2.32
CA ASP A 117 24.55 13.51 -2.78
C ASP A 117 23.80 13.99 -4.00
N ASN A 118 24.19 15.12 -4.56
CA ASN A 118 23.68 15.53 -5.87
C ASN A 118 24.51 15.01 -7.03
N ILE A 119 25.54 14.19 -6.75
CA ILE A 119 26.27 13.56 -7.83
C ILE A 119 25.30 12.69 -8.63
N VAL A 120 25.42 12.73 -9.95
CA VAL A 120 24.49 12.04 -10.85
C VAL A 120 25.09 10.70 -11.25
N LEU A 121 24.36 9.63 -10.96
CA LEU A 121 24.72 8.28 -11.35
C LEU A 121 24.12 7.92 -12.71
N GLY A 122 24.82 7.06 -13.44
CA GLY A 122 24.31 6.57 -14.70
C GLY A 122 25.42 6.26 -15.68
N GLU A 123 25.00 5.82 -16.88
CA GLU A 123 25.95 5.54 -17.95
C GLU A 123 26.94 6.68 -18.09
N GLY A 124 28.23 6.35 -18.05
CA GLY A 124 29.27 7.35 -18.04
C GLY A 124 29.53 7.99 -16.70
N GLY A 125 28.82 7.60 -15.67
CA GLY A 125 28.99 8.20 -14.35
C GLY A 125 30.10 7.53 -13.57
N ILE A 126 30.19 7.91 -12.29
CA ILE A 126 31.15 7.26 -11.40
C ILE A 126 30.77 5.79 -11.24
N THR A 127 31.75 4.99 -10.82
CA THR A 127 31.51 3.59 -10.53
C THR A 127 31.39 3.42 -9.02
N LEU A 128 30.31 2.77 -8.60
CA LEU A 128 30.10 2.47 -7.18
C LEU A 128 30.44 1.01 -6.94
N SER A 129 31.09 0.74 -5.81
CA SER A 129 31.39 -0.64 -5.46
C SER A 129 30.09 -1.40 -5.15
N GLY A 130 30.19 -2.75 -5.11
CA GLY A 130 29.04 -3.55 -4.73
C GLY A 130 28.47 -3.14 -3.39
N GLY A 131 29.35 -2.83 -2.43
CA GLY A 131 28.90 -2.47 -1.10
C GLY A 131 28.26 -1.09 -1.02
N GLN A 132 28.73 -0.15 -1.83
CA GLN A 132 28.08 1.15 -1.92
C GLN A 132 26.69 1.00 -2.54
N ARG A 133 26.57 0.20 -3.60
CA ARG A 133 25.27 -0.07 -4.21
C ARG A 133 24.31 -0.73 -3.22
N ALA A 134 24.80 -1.68 -2.43
CA ALA A 134 23.93 -2.35 -1.46
C ALA A 134 23.38 -1.37 -0.43
N ARG A 135 24.21 -0.47 0.06
CA ARG A 135 23.78 0.46 1.09
C ARG A 135 22.87 1.55 0.51
N ILE A 136 23.10 1.97 -0.73
CA ILE A 136 22.12 2.88 -1.37
C ILE A 136 20.77 2.18 -1.57
N SER A 137 20.80 0.92 -2.03
CA SER A 137 19.56 0.18 -2.26
CA SER A 137 19.57 0.17 -2.27
C SER A 137 18.82 -0.07 -0.96
N LEU A 138 19.54 -0.38 0.11
CA LEU A 138 18.91 -0.50 1.41
C LEU A 138 18.34 0.83 1.88
N ALA A 139 19.07 1.92 1.70
CA ALA A 139 18.55 3.22 2.10
C ALA A 139 17.24 3.50 1.41
N ARG A 140 17.16 3.23 0.10
CA ARG A 140 15.97 3.51 -0.68
C ARG A 140 14.78 2.71 -0.15
N ALA A 141 15.00 1.43 0.11
CA ALA A 141 13.93 0.59 0.64
C ALA A 141 13.49 1.03 2.04
N VAL A 142 14.43 1.44 2.90
CA VAL A 142 14.07 1.74 4.30
C VAL A 142 13.45 3.15 4.39
N TYR A 143 13.85 4.04 3.51
CA TYR A 143 13.35 5.41 3.50
C TYR A 143 11.87 5.46 3.16
N LYS A 144 11.44 4.64 2.21
CA LYS A 144 10.05 4.62 1.78
CA LYS A 144 10.05 4.62 1.77
C LYS A 144 9.14 4.41 2.98
N ASP A 145 8.07 5.18 3.05
CA ASP A 145 7.06 5.03 4.10
C ASP A 145 6.16 3.90 3.65
N ALA A 146 6.39 2.70 4.18
CA ALA A 146 5.68 1.50 3.75
C ALA A 146 5.07 0.74 4.94
N ASP A 147 4.22 -0.22 4.64
CA ASP A 147 3.59 -1.02 5.69
C ASP A 147 4.31 -2.32 5.95
N LEU A 148 5.09 -2.80 4.99
CA LEU A 148 5.83 -4.05 5.12
C LEU A 148 7.15 -3.87 4.39
N TYR A 149 8.25 -4.20 5.05
CA TYR A 149 9.58 -4.08 4.46
C TYR A 149 10.10 -5.49 4.19
N LEU A 150 10.43 -5.77 2.93
CA LEU A 150 10.95 -7.04 2.49
C LEU A 150 12.41 -6.83 2.10
N LEU A 151 13.30 -7.30 2.95
CA LEU A 151 14.72 -7.04 2.84
C LEU A 151 15.40 -8.34 2.50
N ASP A 152 15.71 -8.53 1.22
CA ASP A 152 16.23 -9.81 0.74
C ASP A 152 17.75 -9.74 0.73
N SER A 153 18.38 -10.27 1.78
N SER A 153 18.39 -10.29 1.77
CA SER A 153 19.82 -10.36 1.88
CA SER A 153 19.84 -10.37 1.86
C SER A 153 20.48 -9.03 1.53
C SER A 153 20.48 -9.03 1.52
N PRO A 154 20.15 -7.96 2.28
CA PRO A 154 20.57 -6.62 1.91
C PRO A 154 22.01 -6.28 2.25
N PHE A 155 22.77 -7.16 2.88
CA PHE A 155 24.10 -6.80 3.32
C PHE A 155 25.17 -7.36 2.38
N GLY A 156 24.79 -7.63 1.14
CA GLY A 156 25.75 -8.14 0.18
C GLY A 156 26.94 -7.21 0.08
N TYR A 157 28.14 -7.79 -0.03
CA TYR A 157 29.38 -7.06 -0.24
C TYR A 157 29.91 -6.33 0.98
N LEU A 158 29.17 -6.31 2.08
CA LEU A 158 29.63 -5.65 3.29
C LEU A 158 30.47 -6.61 4.12
N ASP A 159 31.52 -6.09 4.74
CA ASP A 159 32.36 -6.94 5.59
C ASP A 159 31.62 -7.24 6.89
N VAL A 160 32.19 -8.11 7.73
CA VAL A 160 31.40 -8.66 8.82
CA VAL A 160 31.39 -8.67 8.82
C VAL A 160 31.02 -7.57 9.82
N LEU A 161 31.94 -6.63 10.11
CA LEU A 161 31.62 -5.61 11.11
C LEU A 161 30.62 -4.59 10.56
N THR A 162 30.76 -4.22 9.28
CA THR A 162 29.78 -3.30 8.70
C THR A 162 28.39 -3.93 8.70
N GLU A 163 28.29 -5.22 8.39
CA GLU A 163 27.00 -5.87 8.40
C GLU A 163 26.36 -5.85 9.78
N LYS A 164 27.15 -6.14 10.81
CA LYS A 164 26.68 -6.07 12.19
C LYS A 164 26.20 -4.66 12.55
N GLU A 165 27.01 -3.65 12.20
CA GLU A 165 26.68 -2.29 12.57
C GLU A 165 25.39 -1.84 11.90
N ILE A 166 25.23 -2.18 10.61
CA ILE A 166 24.04 -1.71 9.88
C ILE A 166 22.80 -2.54 10.23
N PHE A 167 22.95 -3.85 10.44
CA PHE A 167 21.84 -4.64 10.98
C PHE A 167 21.30 -4.03 12.27
N GLU A 168 22.20 -3.57 13.16
CA GLU A 168 21.77 -2.91 14.38
C GLU A 168 21.18 -1.53 14.12
N SER A 169 21.87 -0.68 13.34
CA SER A 169 21.43 0.72 13.25
C SER A 169 20.20 0.88 12.37
N CYS A 170 20.08 0.07 11.33
CA CYS A 170 18.98 0.18 10.39
C CYS A 170 17.83 -0.75 10.76
N VAL A 171 18.08 -2.06 10.76
CA VAL A 171 16.99 -3.00 10.91
C VAL A 171 16.48 -3.04 12.35
N CYS A 172 17.40 -3.04 13.32
CA CYS A 172 16.96 -3.16 14.70
C CYS A 172 16.52 -1.82 15.27
N LYS A 173 17.24 -0.73 14.96
CA LYS A 173 16.99 0.54 15.65
C LYS A 173 16.08 1.45 14.83
N LEU A 174 16.53 1.85 13.65
CA LEU A 174 15.73 2.78 12.87
C LEU A 174 14.37 2.20 12.54
N MET A 175 14.31 0.91 12.25
CA MET A 175 13.07 0.28 11.85
C MET A 175 12.40 -0.50 12.98
N ALA A 176 12.69 -0.14 14.23
CA ALA A 176 12.26 -0.98 15.34
C ALA A 176 10.77 -1.18 15.41
N ASN A 177 9.97 -0.22 14.96
CA ASN A 177 8.54 -0.51 15.05
C ASN A 177 7.90 -0.77 13.69
N LYS A 178 8.68 -1.18 12.71
CA LYS A 178 8.15 -1.51 11.38
C LYS A 178 7.99 -3.02 11.22
N THR A 179 7.02 -3.40 10.40
CA THR A 179 6.80 -4.80 10.06
C THR A 179 7.80 -5.15 8.98
N ARG A 180 8.68 -6.12 9.29
CA ARG A 180 9.86 -6.43 8.49
C ARG A 180 10.04 -7.93 8.26
N ILE A 181 10.44 -8.29 7.06
CA ILE A 181 10.90 -9.63 6.77
C ILE A 181 12.33 -9.50 6.28
N LEU A 182 13.26 -10.18 6.92
CA LEU A 182 14.66 -10.11 6.54
C LEU A 182 15.14 -11.50 6.16
N VAL A 183 15.61 -11.64 4.94
CA VAL A 183 16.23 -12.87 4.50
C VAL A 183 17.70 -12.82 4.94
N THR A 184 18.07 -13.75 5.80
CA THR A 184 19.41 -13.71 6.34
C THR A 184 19.73 -15.09 6.85
N SER A 185 21.02 -15.41 6.83
CA SER A 185 21.55 -16.66 7.35
C SER A 185 22.20 -16.54 8.73
N LYS A 186 22.54 -15.34 9.19
CA LYS A 186 23.35 -15.22 10.38
C LYS A 186 22.54 -15.54 11.63
N MET A 187 23.07 -16.44 12.46
CA MET A 187 22.40 -16.81 13.70
C MET A 187 22.26 -15.62 14.61
N GLU A 188 23.21 -14.67 14.57
CA GLU A 188 23.10 -13.45 15.34
CA GLU A 188 23.09 -13.46 15.36
C GLU A 188 21.87 -12.64 14.95
N HIS A 189 21.49 -12.70 13.68
CA HIS A 189 20.29 -11.99 13.22
C HIS A 189 19.02 -12.70 13.67
N LEU A 190 19.00 -14.02 13.54
CA LEU A 190 17.83 -14.79 13.99
C LEU A 190 17.54 -14.61 15.47
N LYS A 191 18.60 -14.44 16.27
CA LYS A 191 18.43 -14.28 17.71
C LYS A 191 17.69 -13.01 18.06
N LYS A 192 17.72 -12.00 17.17
CA LYS A 192 17.03 -10.74 17.42
C LYS A 192 15.62 -10.71 16.83
N ALA A 193 15.26 -11.69 16.00
CA ALA A 193 13.99 -11.71 15.30
C ALA A 193 12.86 -12.14 16.23
N ASP A 194 11.66 -11.67 15.92
CA ASP A 194 10.49 -12.10 16.69
C ASP A 194 10.05 -13.50 16.27
N LYS A 195 10.17 -13.82 14.99
CA LYS A 195 9.87 -15.13 14.46
C LYS A 195 10.93 -15.51 13.45
N ILE A 196 11.10 -16.81 13.28
CA ILE A 196 12.08 -17.35 12.35
C ILE A 196 11.36 -18.37 11.46
N LEU A 197 11.63 -18.33 10.16
CA LEU A 197 11.19 -19.33 9.21
C LEU A 197 12.42 -19.83 8.47
N ILE A 198 12.75 -21.12 8.62
CA ILE A 198 13.87 -21.73 7.92
C ILE A 198 13.32 -22.62 6.82
N LEU A 199 13.76 -22.38 5.59
CA LEU A 199 13.30 -23.16 4.45
C LEU A 199 14.40 -24.15 4.06
N HIS A 200 13.98 -25.30 3.56
CA HIS A 200 14.91 -26.26 2.99
C HIS A 200 14.24 -26.92 1.79
N GLU A 201 14.82 -26.76 0.61
CA GLU A 201 14.29 -27.37 -0.62
C GLU A 201 12.81 -27.07 -0.80
N GLY A 202 12.42 -25.84 -0.52
CA GLY A 202 11.05 -25.42 -0.74
C GLY A 202 10.07 -25.74 0.38
N SER A 203 10.50 -26.53 1.37
CA SER A 203 9.67 -26.91 2.51
C SER A 203 10.08 -26.19 3.78
N SER A 204 9.14 -26.14 4.74
CA SER A 204 9.38 -25.51 6.02
C SER A 204 10.18 -26.48 6.90
N TYR A 205 11.42 -26.08 7.20
CA TYR A 205 12.28 -26.82 8.13
C TYR A 205 11.93 -26.47 9.57
N PHE A 206 11.65 -25.19 9.82
CA PHE A 206 11.37 -24.70 11.16
C PHE A 206 10.61 -23.39 11.03
N TYR A 207 9.63 -23.21 11.90
CA TYR A 207 8.92 -21.92 12.03
C TYR A 207 8.67 -21.74 13.53
N GLY A 208 9.20 -20.67 14.11
CA GLY A 208 9.06 -20.46 15.53
C GLY A 208 9.94 -19.31 16.01
N THR A 209 10.13 -19.29 17.32
CA THR A 209 11.01 -18.35 17.98
C THR A 209 12.41 -18.90 18.05
N PHE A 210 13.36 -17.99 18.31
CA PHE A 210 14.74 -18.39 18.50
C PHE A 210 14.88 -19.37 19.68
N SER A 211 14.17 -19.14 20.79
CA SER A 211 14.29 -20.11 21.90
C SER A 211 13.75 -21.47 21.47
N GLU A 212 12.65 -21.50 20.69
CA GLU A 212 12.13 -22.76 20.17
C GLU A 212 13.15 -23.40 19.22
N LEU A 213 13.88 -22.59 18.45
CA LEU A 213 14.90 -23.13 17.56
C LEU A 213 16.07 -23.75 18.32
N GLN A 214 16.54 -23.09 19.38
CA GLN A 214 17.62 -23.67 20.17
C GLN A 214 17.23 -25.05 20.69
N ASN A 215 15.98 -25.24 21.07
CA ASN A 215 15.49 -26.54 21.50
C ASN A 215 15.28 -27.48 20.33
N THR B 2 2.02 1.36 -14.35
CA THR B 2 1.51 0.09 -14.86
C THR B 2 0.13 -0.19 -14.26
N THR B 3 -0.32 -1.45 -14.44
CA THR B 3 -1.57 -1.94 -13.88
C THR B 3 -1.48 -2.01 -12.37
N GLU B 4 -2.35 -1.29 -11.69
CA GLU B 4 -2.37 -1.25 -10.23
C GLU B 4 -3.39 -2.20 -9.64
N VAL B 5 -4.58 -2.32 -10.24
CA VAL B 5 -5.66 -3.10 -9.66
C VAL B 5 -6.24 -3.97 -10.76
N VAL B 6 -6.26 -5.28 -10.55
CA VAL B 6 -6.92 -6.17 -11.50
C VAL B 6 -7.91 -7.06 -10.77
N MET B 7 -9.13 -7.11 -11.29
CA MET B 7 -10.14 -8.05 -10.83
C MET B 7 -10.46 -8.96 -12.00
N GLU B 8 -10.34 -10.27 -11.80
CA GLU B 8 -10.53 -11.26 -12.85
C GLU B 8 -11.57 -12.26 -12.40
N ASN B 9 -12.74 -12.25 -13.07
CA ASN B 9 -13.83 -13.19 -12.83
C ASN B 9 -14.18 -13.36 -11.35
N VAL B 10 -14.39 -12.27 -10.65
CA VAL B 10 -14.62 -12.36 -9.22
C VAL B 10 -16.10 -12.59 -8.92
N THR B 11 -16.37 -13.64 -8.14
CA THR B 11 -17.66 -13.87 -7.52
C THR B 11 -17.47 -13.91 -6.02
N ALA B 12 -18.45 -13.43 -5.28
CA ALA B 12 -18.31 -13.39 -3.84
C ALA B 12 -19.69 -13.50 -3.22
N PHE B 13 -19.72 -14.06 -2.01
CA PHE B 13 -20.91 -14.18 -1.19
C PHE B 13 -20.66 -13.61 0.20
N TRP B 14 -21.62 -12.85 0.73
CA TRP B 14 -21.57 -12.53 2.15
C TRP B 14 -22.02 -13.71 3.02
N GLU B 15 -22.93 -14.54 2.50
CA GLU B 15 -23.50 -15.65 3.27
C GLU B 15 -23.26 -16.98 2.58
N GLU B 16 -22.69 -17.94 3.32
CA GLU B 16 -22.50 -19.28 2.79
C GLU B 16 -23.83 -19.84 2.29
N GLY B 17 -23.82 -20.33 1.04
CA GLY B 17 -25.04 -20.88 0.48
C GLY B 17 -26.11 -19.87 0.19
N GLY B 18 -25.76 -18.58 0.15
CA GLY B 18 -26.69 -17.53 -0.16
C GLY B 18 -26.64 -17.14 -1.62
N THR B 19 -27.19 -15.96 -1.92
CA THR B 19 -27.09 -15.41 -3.25
C THR B 19 -25.78 -14.65 -3.40
N PRO B 20 -25.09 -14.77 -4.54
CA PRO B 20 -23.82 -14.06 -4.69
C PRO B 20 -24.04 -12.56 -4.73
N VAL B 21 -23.16 -11.82 -4.06
CA VAL B 21 -23.31 -10.36 -4.07
C VAL B 21 -22.55 -9.75 -5.23
N LEU B 22 -21.58 -10.46 -5.79
CA LEU B 22 -20.82 -10.02 -6.95
C LEU B 22 -20.68 -11.25 -7.84
N LYS B 23 -20.88 -11.07 -9.14
CA LYS B 23 -20.91 -12.17 -10.08
C LYS B 23 -20.06 -11.80 -11.29
N ASP B 24 -18.96 -12.53 -11.51
CA ASP B 24 -18.12 -12.43 -12.71
C ASP B 24 -17.68 -10.98 -12.97
N ILE B 25 -17.14 -10.35 -11.94
CA ILE B 25 -16.66 -8.97 -12.08
C ILE B 25 -15.22 -8.96 -12.61
N ASN B 26 -14.99 -8.16 -13.66
CA ASN B 26 -13.70 -7.93 -14.31
C ASN B 26 -13.45 -6.44 -14.42
N PHE B 27 -12.25 -5.98 -14.05
CA PHE B 27 -11.82 -4.64 -14.44
C PHE B 27 -10.32 -4.55 -14.22
N LYS B 28 -9.73 -3.49 -14.78
CA LYS B 28 -8.32 -3.21 -14.59
C LYS B 28 -8.15 -1.69 -14.52
N ILE B 29 -7.38 -1.22 -13.55
CA ILE B 29 -7.07 0.20 -13.40
C ILE B 29 -5.56 0.37 -13.41
N GLU B 30 -5.09 1.34 -14.18
CA GLU B 30 -3.67 1.68 -14.25
C GLU B 30 -3.40 2.81 -13.27
N ARG B 31 -2.14 3.01 -12.93
CA ARG B 31 -1.78 4.07 -11.98
C ARG B 31 -2.30 5.41 -12.47
N GLY B 32 -2.92 6.18 -11.57
CA GLY B 32 -3.42 7.49 -11.86
C GLY B 32 -4.82 7.55 -12.49
N GLN B 33 -5.42 6.42 -12.79
CA GLN B 33 -6.74 6.44 -13.41
C GLN B 33 -7.84 6.61 -12.36
N LEU B 34 -8.96 7.16 -12.81
CA LEU B 34 -10.19 7.25 -12.01
C LEU B 34 -11.19 6.26 -12.56
N LEU B 35 -11.59 5.31 -11.71
CA LEU B 35 -12.68 4.42 -12.02
C LEU B 35 -13.93 4.81 -11.22
N ALA B 36 -15.03 5.06 -11.93
CA ALA B 36 -16.35 5.26 -11.33
C ALA B 36 -17.04 3.91 -11.22
N VAL B 37 -17.57 3.60 -10.03
CA VAL B 37 -18.36 2.42 -9.78
C VAL B 37 -19.77 2.88 -9.48
N ALA B 38 -20.71 2.54 -10.34
CA ALA B 38 -22.04 3.09 -10.34
C ALA B 38 -23.06 1.96 -10.19
N GLY B 39 -24.28 2.33 -9.86
CA GLY B 39 -25.34 1.34 -9.77
C GLY B 39 -26.27 1.67 -8.63
N SER B 40 -27.44 1.08 -8.66
CA SER B 40 -28.49 1.45 -7.71
C SER B 40 -28.19 0.81 -6.35
N THR B 41 -29.02 1.18 -5.37
CA THR B 41 -28.90 0.65 -4.01
C THR B 41 -28.84 -0.87 -4.02
N GLY B 42 -27.85 -1.41 -3.32
CA GLY B 42 -27.72 -2.86 -3.22
C GLY B 42 -27.07 -3.53 -4.42
N ALA B 43 -26.59 -2.75 -5.37
CA ALA B 43 -25.98 -3.33 -6.58
C ALA B 43 -24.70 -4.08 -6.26
N GLY B 44 -24.04 -3.76 -5.14
CA GLY B 44 -22.80 -4.45 -4.79
C GLY B 44 -21.58 -3.56 -4.79
N LYS B 45 -21.78 -2.23 -4.78
CA LYS B 45 -20.67 -1.28 -4.93
C LYS B 45 -19.75 -1.29 -3.70
N THR B 46 -20.32 -1.12 -2.50
CA THR B 46 -19.50 -1.22 -1.30
C THR B 46 -18.87 -2.60 -1.19
N SER B 47 -19.63 -3.64 -1.55
CA SER B 47 -19.06 -4.98 -1.47
C SER B 47 -17.87 -5.15 -2.41
N LEU B 48 -17.90 -4.51 -3.57
CA LEU B 48 -16.75 -4.55 -4.47
C LEU B 48 -15.52 -3.96 -3.80
N LEU B 49 -15.69 -2.81 -3.15
CA LEU B 49 -14.58 -2.23 -2.41
C LEU B 49 -14.06 -3.19 -1.33
N MET B 50 -14.97 -3.92 -0.66
CA MET B 50 -14.54 -4.78 0.44
C MET B 50 -13.66 -5.92 -0.07
N VAL B 51 -13.93 -6.42 -1.28
CA VAL B 51 -13.07 -7.42 -1.93
C VAL B 51 -11.67 -6.85 -2.11
N ILE B 52 -11.58 -5.64 -2.66
CA ILE B 52 -10.30 -4.99 -2.87
C ILE B 52 -9.55 -4.86 -1.55
N MET B 53 -10.27 -4.57 -0.46
CA MET B 53 -9.61 -4.42 0.84
C MET B 53 -9.34 -5.73 1.54
N GLY B 54 -9.85 -6.84 1.03
CA GLY B 54 -9.66 -8.13 1.66
C GLY B 54 -10.65 -8.44 2.75
N GLU B 55 -11.67 -7.60 2.92
CA GLU B 55 -12.69 -7.89 3.92
C GLU B 55 -13.68 -8.94 3.42
N LEU B 56 -13.83 -9.05 2.11
CA LEU B 56 -14.72 -9.98 1.44
C LEU B 56 -13.87 -10.85 0.54
N GLU B 57 -13.75 -12.13 0.89
CA GLU B 57 -12.91 -13.04 0.14
C GLU B 57 -13.71 -13.64 -1.01
N PRO B 58 -13.22 -13.56 -2.26
CA PRO B 58 -13.97 -14.15 -3.37
C PRO B 58 -14.17 -15.63 -3.19
N SER B 59 -15.31 -16.12 -3.64
CA SER B 59 -15.50 -17.56 -3.80
C SER B 59 -14.83 -18.07 -5.06
N GLU B 60 -14.68 -17.21 -6.07
CA GLU B 60 -13.89 -17.59 -7.24
C GLU B 60 -13.32 -16.32 -7.88
N GLY B 61 -12.29 -16.49 -8.68
CA GLY B 61 -11.65 -15.36 -9.33
C GLY B 61 -10.50 -14.82 -8.51
N LYS B 62 -9.89 -13.76 -9.07
CA LYS B 62 -8.68 -13.20 -8.51
C LYS B 62 -8.84 -11.69 -8.34
N ILE B 63 -8.40 -11.19 -7.18
CA ILE B 63 -8.15 -9.76 -7.01
C ILE B 63 -6.65 -9.60 -6.87
N LYS B 64 -6.05 -8.82 -7.77
CA LYS B 64 -4.61 -8.61 -7.83
C LYS B 64 -4.34 -7.15 -7.53
N HIS B 65 -3.68 -6.90 -6.40
CA HIS B 65 -3.35 -5.55 -6.00
C HIS B 65 -2.31 -5.57 -4.89
N SER B 66 -1.31 -4.68 -5.01
CA SER B 66 -0.32 -4.54 -3.95
C SER B 66 -0.10 -3.05 -3.72
N GLY B 67 -0.44 -2.58 -2.53
CA GLY B 67 -0.26 -1.18 -2.22
C GLY B 67 -1.09 -0.78 -1.03
N ARG B 68 -0.81 0.42 -0.53
CA ARG B 68 -1.58 0.92 0.60
C ARG B 68 -2.92 1.45 0.12
N ILE B 69 -4.00 1.06 0.80
CA ILE B 69 -5.34 1.56 0.49
C ILE B 69 -5.70 2.62 1.49
N SER B 70 -6.23 3.76 1.01
CA SER B 70 -6.96 4.71 1.84
C SER B 70 -8.45 4.66 1.50
N PHE B 71 -9.28 4.41 2.51
CA PHE B 71 -10.72 4.18 2.33
C PHE B 71 -11.55 5.28 2.97
N CYS B 72 -12.44 5.89 2.17
CA CYS B 72 -13.47 6.80 2.67
C CYS B 72 -14.80 6.03 2.66
N SER B 73 -15.25 5.66 3.86
CA SER B 73 -16.51 4.97 4.07
C SER B 73 -17.68 5.87 3.69
N GLN B 74 -18.78 5.27 3.23
CA GLN B 74 -19.94 6.08 2.89
C GLN B 74 -20.64 6.63 4.13
N PHE B 75 -20.26 6.15 5.32
CA PHE B 75 -20.68 6.69 6.60
C PHE B 75 -19.48 7.37 7.28
N SER B 76 -19.65 8.64 7.61
CA SER B 76 -18.58 9.45 8.15
C SER B 76 -18.32 9.04 9.59
N TRP B 77 -17.10 9.30 10.05
CA TRP B 77 -16.76 9.01 11.43
C TRP B 77 -15.74 10.01 11.93
N ILE B 78 -15.72 10.18 13.25
CA ILE B 78 -14.89 11.16 13.94
C ILE B 78 -14.30 10.48 15.17
N MET B 79 -12.94 10.46 15.28
CA MET B 79 -12.33 9.94 16.49
C MET B 79 -12.09 11.05 17.51
N PRO B 80 -11.91 10.70 18.80
CA PRO B 80 -11.63 11.74 19.79
C PRO B 80 -10.34 12.48 19.42
N GLY B 81 -10.41 13.81 19.47
CA GLY B 81 -9.27 14.60 19.03
C GLY B 81 -9.68 15.83 18.26
N THR B 82 -8.68 16.60 17.83
CA THR B 82 -8.93 17.83 17.11
C THR B 82 -9.31 17.53 15.67
N ILE B 83 -9.79 18.56 14.98
CA ILE B 83 -10.09 18.41 13.56
C ILE B 83 -8.81 18.07 12.80
N LYS B 84 -7.73 18.78 13.10
CA LYS B 84 -6.46 18.52 12.42
C LYS B 84 -5.98 17.10 12.67
N GLU B 85 -6.04 16.64 13.90
CA GLU B 85 -5.63 15.27 14.23
C GLU B 85 -6.48 14.24 13.50
N ASN B 86 -7.79 14.48 13.40
CA ASN B 86 -8.64 13.57 12.65
C ASN B 86 -8.21 13.42 11.19
N ILE B 87 -7.67 14.48 10.60
CA ILE B 87 -7.37 14.49 9.17
C ILE B 87 -5.97 13.94 8.88
N ILE B 88 -4.97 14.25 9.72
CA ILE B 88 -3.60 13.97 9.31
C ILE B 88 -3.07 12.63 9.78
N GLY B 89 -3.68 12.01 10.80
CA GLY B 89 -3.18 10.73 11.26
C GLY B 89 -1.75 10.85 11.79
N ASP B 90 -0.83 10.05 11.22
CA ASP B 90 0.48 9.89 11.82
C ASP B 90 1.55 10.86 11.32
N SER B 91 1.32 11.58 10.22
CA SER B 91 2.36 12.44 9.67
C SER B 91 1.80 13.78 9.21
N TYR B 92 2.57 14.84 9.45
CA TYR B 92 2.18 16.21 9.13
C TYR B 92 3.02 16.75 7.98
N ASP B 93 2.34 17.15 6.91
CA ASP B 93 2.96 17.86 5.78
C ASP B 93 2.11 19.10 5.58
N GLU B 94 2.68 20.28 5.86
CA GLU B 94 1.89 21.52 5.89
C GLU B 94 1.20 21.80 4.55
N TYR B 95 1.96 21.75 3.45
CA TYR B 95 1.35 22.01 2.15
C TYR B 95 0.24 21.02 1.84
N ARG B 96 0.48 19.73 2.11
CA ARG B 96 -0.56 18.75 1.85
C ARG B 96 -1.80 19.02 2.70
N TYR B 97 -1.59 19.36 3.97
CA TYR B 97 -2.72 19.59 4.85
C TYR B 97 -3.51 20.80 4.38
N ARG B 98 -2.83 21.91 4.09
CA ARG B 98 -3.52 23.10 3.61
C ARG B 98 -4.21 22.84 2.28
N SER B 99 -3.59 22.05 1.39
N SER B 99 -3.58 22.07 1.38
CA SER B 99 -4.20 21.75 0.09
CA SER B 99 -4.24 21.79 0.10
C SER B 99 -5.46 20.89 0.24
C SER B 99 -5.51 20.97 0.31
N VAL B 100 -5.51 20.02 1.25
CA VAL B 100 -6.69 19.16 1.42
C VAL B 100 -7.81 19.91 2.12
N ILE B 101 -7.48 20.73 3.10
CA ILE B 101 -8.46 21.60 3.73
C ILE B 101 -9.15 22.46 2.68
N LYS B 102 -8.37 23.05 1.77
CA LYS B 102 -8.98 23.90 0.76
C LYS B 102 -9.86 23.10 -0.18
N ALA B 103 -9.37 21.95 -0.64
CA ALA B 103 -10.12 21.19 -1.63
C ALA B 103 -11.41 20.62 -1.06
N CYS B 104 -11.45 20.38 0.25
CA CYS B 104 -12.63 19.84 0.91
C CYS B 104 -13.46 20.93 1.60
N GLN B 105 -13.15 22.19 1.32
CA GLN B 105 -13.92 23.35 1.75
C GLN B 105 -14.04 23.47 3.26
N LEU B 106 -12.99 23.10 3.98
CA LEU B 106 -13.00 23.17 5.44
C LEU B 106 -12.40 24.46 6.00
N GLU B 107 -11.77 25.30 5.17
CA GLU B 107 -11.24 26.56 5.70
C GLU B 107 -12.36 27.39 6.35
N GLU B 108 -13.51 27.51 5.67
CA GLU B 108 -14.61 28.31 6.23
C GLU B 108 -15.07 27.77 7.58
N ASP B 109 -15.24 26.45 7.69
CA ASP B 109 -15.72 25.86 8.93
C ASP B 109 -14.71 26.06 10.06
N ILE B 110 -13.43 25.81 9.77
CA ILE B 110 -12.38 25.97 10.79
C ILE B 110 -12.31 27.41 11.27
N SER B 111 -12.55 28.38 10.37
CA SER B 111 -12.41 29.79 10.74
C SER B 111 -13.46 30.22 11.78
N LYS B 112 -14.55 29.47 11.94
CA LYS B 112 -15.59 29.84 12.88
C LYS B 112 -15.34 29.33 14.28
N PHE B 113 -14.30 28.53 14.48
CA PHE B 113 -14.00 27.95 15.78
C PHE B 113 -12.93 28.78 16.48
N ALA B 114 -13.15 29.03 17.77
CA ALA B 114 -12.17 29.78 18.55
C ALA B 114 -10.79 29.13 18.47
N GLU B 115 -10.72 27.81 18.67
CA GLU B 115 -9.48 27.06 18.59
C GLU B 115 -9.15 26.59 17.18
N LYS B 116 -9.91 27.06 16.17
CA LYS B 116 -9.65 26.74 14.76
C LYS B 116 -9.58 25.22 14.58
N ASP B 117 -8.61 24.71 13.84
CA ASP B 117 -8.57 23.27 13.63
C ASP B 117 -8.08 22.51 14.86
N ASN B 118 -7.69 23.20 15.92
CA ASN B 118 -7.32 22.57 17.18
C ASN B 118 -8.52 22.37 18.11
N ILE B 119 -9.74 22.71 17.67
CA ILE B 119 -10.92 22.41 18.47
C ILE B 119 -11.01 20.91 18.69
N VAL B 120 -11.30 20.50 19.93
CA VAL B 120 -11.30 19.09 20.31
C VAL B 120 -12.70 18.51 20.12
N LEU B 121 -12.77 17.36 19.45
CA LEU B 121 -14.03 16.67 19.19
C LEU B 121 -14.11 15.39 20.02
N GLY B 122 -15.34 15.06 20.45
CA GLY B 122 -15.58 13.76 21.04
C GLY B 122 -15.78 12.71 19.96
N GLU B 123 -15.78 11.44 20.39
CA GLU B 123 -16.17 10.37 19.49
C GLU B 123 -17.46 10.75 18.78
N GLY B 124 -17.49 10.57 17.46
CA GLY B 124 -18.67 10.81 16.67
C GLY B 124 -18.88 12.25 16.27
N GLY B 125 -18.19 13.18 16.93
CA GLY B 125 -18.25 14.58 16.58
C GLY B 125 -19.67 15.09 16.39
N ILE B 126 -20.56 14.81 17.35
CA ILE B 126 -21.96 15.10 17.13
C ILE B 126 -22.27 16.58 17.23
N THR B 127 -21.32 17.39 17.70
CA THR B 127 -21.53 18.84 17.72
C THR B 127 -21.31 19.48 16.36
N LEU B 128 -20.74 18.76 15.41
CA LEU B 128 -20.58 19.19 14.03
C LEU B 128 -21.82 18.80 13.22
N SER B 129 -21.94 19.34 12.02
CA SER B 129 -23.00 18.93 11.10
C SER B 129 -22.56 17.67 10.37
N GLY B 130 -23.54 16.95 9.82
CA GLY B 130 -23.21 15.78 9.03
C GLY B 130 -22.36 16.10 7.83
N GLY B 131 -22.61 17.27 7.20
CA GLY B 131 -21.81 17.70 6.08
C GLY B 131 -20.37 17.99 6.48
N GLN B 132 -20.18 18.62 7.64
CA GLN B 132 -18.82 18.83 8.16
C GLN B 132 -18.13 17.51 8.43
N ARG B 133 -18.85 16.58 9.10
CA ARG B 133 -18.25 15.28 9.36
C ARG B 133 -17.88 14.60 8.05
N ALA B 134 -18.74 14.70 7.04
CA ALA B 134 -18.43 14.02 5.78
C ALA B 134 -17.18 14.63 5.12
N ARG B 135 -17.04 15.94 5.16
CA ARG B 135 -15.87 16.55 4.53
C ARG B 135 -14.58 16.32 5.31
N ILE B 136 -14.66 16.21 6.64
CA ILE B 136 -13.51 15.78 7.43
C ILE B 136 -13.11 14.34 7.08
N SER B 137 -14.10 13.47 6.87
CA SER B 137 -13.77 12.08 6.56
C SER B 137 -13.14 11.95 5.18
N LEU B 138 -13.63 12.72 4.20
CA LEU B 138 -13.01 12.74 2.88
C LEU B 138 -11.59 13.25 2.97
N ALA B 139 -11.40 14.35 3.71
CA ALA B 139 -10.07 14.95 3.86
C ALA B 139 -9.11 13.96 4.47
N ARG B 140 -9.55 13.23 5.50
CA ARG B 140 -8.69 12.23 6.13
C ARG B 140 -8.22 11.20 5.11
N ALA B 141 -9.14 10.73 4.27
CA ALA B 141 -8.83 9.69 3.31
C ALA B 141 -7.95 10.21 2.19
N VAL B 142 -8.15 11.46 1.75
CA VAL B 142 -7.33 11.97 0.66
C VAL B 142 -5.95 12.43 1.16
N TYR B 143 -5.86 12.87 2.41
CA TYR B 143 -4.57 13.33 2.94
C TYR B 143 -3.58 12.19 3.10
N LYS B 144 -4.07 11.01 3.48
CA LYS B 144 -3.21 9.83 3.64
C LYS B 144 -2.36 9.60 2.39
N ASP B 145 -1.08 9.27 2.59
CA ASP B 145 -0.21 8.90 1.45
C ASP B 145 -0.47 7.43 1.16
N ALA B 146 -1.21 7.16 0.10
CA ALA B 146 -1.65 5.82 -0.24
C ALA B 146 -1.44 5.59 -1.73
N ASP B 147 -1.57 4.34 -2.13
CA ASP B 147 -1.40 3.93 -3.52
C ASP B 147 -2.73 3.77 -4.24
N LEU B 148 -3.79 3.54 -3.49
CA LEU B 148 -5.14 3.39 -4.04
C LEU B 148 -6.13 4.06 -3.11
N TYR B 149 -6.96 4.93 -3.67
CA TYR B 149 -7.99 5.65 -2.92
C TYR B 149 -9.37 5.08 -3.28
N LEU B 150 -10.07 4.58 -2.28
CA LEU B 150 -11.38 3.99 -2.47
C LEU B 150 -12.39 4.91 -1.79
N LEU B 151 -13.18 5.60 -2.58
CA LEU B 151 -14.00 6.67 -2.06
C LEU B 151 -15.44 6.21 -2.24
N ASP B 152 -16.07 5.79 -1.14
CA ASP B 152 -17.39 5.18 -1.22
C ASP B 152 -18.50 6.22 -0.99
N SER B 153 -19.01 6.78 -2.08
N SER B 153 -19.03 6.77 -2.07
CA SER B 153 -20.07 7.76 -2.05
CA SER B 153 -20.10 7.75 -2.02
C SER B 153 -19.78 8.85 -1.03
C SER B 153 -19.78 8.86 -1.01
N PRO B 154 -18.62 9.54 -1.20
CA PRO B 154 -18.21 10.54 -0.19
C PRO B 154 -19.10 11.78 -0.15
N PHE B 155 -19.96 11.98 -1.15
CA PHE B 155 -20.77 13.17 -1.29
C PHE B 155 -22.22 12.94 -0.90
N GLY B 156 -22.55 11.74 -0.42
CA GLY B 156 -23.93 11.39 -0.20
C GLY B 156 -24.65 12.24 0.82
N TYR B 157 -23.89 12.89 1.72
CA TYR B 157 -24.51 13.78 2.69
C TYR B 157 -24.26 15.25 2.42
N LEU B 158 -23.80 15.58 1.21
CA LEU B 158 -23.59 16.96 0.80
C LEU B 158 -24.67 17.39 -0.17
N ASP B 159 -24.94 18.70 -0.20
CA ASP B 159 -25.85 19.23 -1.20
C ASP B 159 -25.24 19.10 -2.60
N VAL B 160 -26.10 19.25 -3.60
CA VAL B 160 -25.69 18.90 -4.97
C VAL B 160 -24.60 19.85 -5.48
N LEU B 161 -24.68 21.14 -5.09
CA LEU B 161 -23.70 22.11 -5.55
C LEU B 161 -22.34 21.84 -4.90
N THR B 162 -22.33 21.61 -3.59
CA THR B 162 -21.11 21.26 -2.86
C THR B 162 -20.44 20.02 -3.43
N GLU B 163 -21.23 18.99 -3.74
CA GLU B 163 -20.71 17.77 -4.34
C GLU B 163 -20.01 18.06 -5.68
N LYS B 164 -20.65 18.85 -6.55
CA LYS B 164 -20.05 19.22 -7.82
C LYS B 164 -18.73 19.95 -7.61
N GLU B 165 -18.70 20.90 -6.67
CA GLU B 165 -17.48 21.67 -6.43
C GLU B 165 -16.35 20.81 -5.89
N ILE B 166 -16.66 19.88 -4.99
CA ILE B 166 -15.62 19.11 -4.32
C ILE B 166 -15.14 17.97 -5.21
N PHE B 167 -16.03 17.40 -6.03
CA PHE B 167 -15.58 16.45 -7.05
C PHE B 167 -14.50 17.09 -7.91
N GLU B 168 -14.74 18.31 -8.36
CA GLU B 168 -13.75 19.01 -9.18
C GLU B 168 -12.50 19.33 -8.37
N SER B 169 -12.65 19.94 -7.20
CA SER B 169 -11.46 20.45 -6.52
C SER B 169 -10.68 19.33 -5.83
N CYS B 170 -11.37 18.28 -5.35
CA CYS B 170 -10.70 17.19 -4.63
C CYS B 170 -10.35 16.05 -5.58
N VAL B 171 -11.37 15.40 -6.15
CA VAL B 171 -11.14 14.20 -6.94
C VAL B 171 -10.44 14.51 -8.27
N CYS B 172 -10.86 15.56 -8.96
CA CYS B 172 -10.32 15.80 -10.29
C CYS B 172 -8.98 16.54 -10.26
N LYS B 173 -8.78 17.47 -9.33
CA LYS B 173 -7.62 18.35 -9.40
C LYS B 173 -6.57 17.93 -8.39
N LEU B 174 -6.92 18.03 -7.11
CA LEU B 174 -5.97 17.64 -6.07
C LEU B 174 -5.49 16.19 -6.23
N MET B 175 -6.41 15.28 -6.58
CA MET B 175 -6.05 13.86 -6.73
C MET B 175 -5.81 13.45 -8.20
N ALA B 176 -5.42 14.40 -9.04
CA ALA B 176 -5.32 14.14 -10.48
C ALA B 176 -4.34 13.02 -10.84
N ASN B 177 -3.28 12.85 -10.07
CA ASN B 177 -2.33 11.79 -10.41
C ASN B 177 -2.45 10.56 -9.50
N LYS B 178 -3.54 10.43 -8.76
CA LYS B 178 -3.71 9.29 -7.86
C LYS B 178 -4.63 8.26 -8.49
N THR B 179 -4.42 7.01 -8.12
CA THR B 179 -5.28 5.90 -8.52
C THR B 179 -6.50 5.86 -7.62
N ARG B 180 -7.68 6.01 -8.21
CA ARG B 180 -8.89 6.35 -7.48
C ARG B 180 -10.04 5.47 -7.95
N ILE B 181 -10.80 4.94 -6.99
CA ILE B 181 -12.06 4.30 -7.31
C ILE B 181 -13.13 5.08 -6.56
N LEU B 182 -14.05 5.65 -7.30
CA LEU B 182 -15.07 6.54 -6.76
C LEU B 182 -16.41 5.86 -6.98
N VAL B 183 -17.11 5.54 -5.90
CA VAL B 183 -18.48 5.03 -5.98
C VAL B 183 -19.37 6.24 -6.15
N THR B 184 -19.98 6.34 -7.33
CA THR B 184 -20.81 7.47 -7.75
C THR B 184 -21.62 7.02 -8.95
N SER B 185 -22.83 7.51 -9.04
CA SER B 185 -23.67 7.28 -10.22
C SER B 185 -24.08 8.57 -10.93
N LYS B 186 -23.52 9.72 -10.56
CA LYS B 186 -23.87 10.96 -11.23
C LYS B 186 -23.29 11.02 -12.63
N MET B 187 -24.09 11.51 -13.61
CA MET B 187 -23.67 11.49 -15.00
C MET B 187 -22.42 12.32 -15.20
N GLU B 188 -22.35 13.47 -14.54
CA GLU B 188 -21.19 14.35 -14.68
C GLU B 188 -19.91 13.63 -14.26
N HIS B 189 -19.98 12.81 -13.21
CA HIS B 189 -18.77 12.12 -12.76
C HIS B 189 -18.39 11.00 -13.70
N LEU B 190 -19.39 10.27 -14.22
CA LEU B 190 -19.12 9.23 -15.19
C LEU B 190 -18.43 9.78 -16.42
N LYS B 191 -18.78 11.01 -16.82
CA LYS B 191 -18.17 11.62 -18.00
C LYS B 191 -16.71 11.97 -17.75
N LYS B 192 -16.33 12.25 -16.51
CA LYS B 192 -14.95 12.58 -16.16
C LYS B 192 -14.07 11.37 -15.86
N ALA B 193 -14.65 10.21 -15.61
CA ALA B 193 -13.87 9.02 -15.26
C ALA B 193 -13.12 8.50 -16.48
N ASP B 194 -11.96 7.88 -16.24
CA ASP B 194 -11.26 7.13 -17.28
C ASP B 194 -12.00 5.86 -17.65
N LYS B 195 -12.60 5.20 -16.68
CA LYS B 195 -13.34 3.97 -16.90
C LYS B 195 -14.54 3.98 -15.98
N ILE B 196 -15.57 3.25 -16.40
CA ILE B 196 -16.82 3.14 -15.64
C ILE B 196 -17.17 1.66 -15.50
N LEU B 197 -17.61 1.29 -14.29
CA LEU B 197 -18.21 -0.01 -14.05
C LEU B 197 -19.57 0.23 -13.43
N ILE B 198 -20.61 -0.19 -14.13
CA ILE B 198 -21.98 -0.12 -13.63
C ILE B 198 -22.35 -1.51 -13.15
N LEU B 199 -22.67 -1.63 -11.86
CA LEU B 199 -23.15 -2.88 -11.29
C LEU B 199 -24.67 -2.88 -11.26
N HIS B 200 -25.24 -4.05 -11.43
CA HIS B 200 -26.69 -4.21 -11.35
C HIS B 200 -26.94 -5.58 -10.76
N GLU B 201 -27.50 -5.62 -9.54
CA GLU B 201 -27.79 -6.87 -8.85
C GLU B 201 -26.57 -7.79 -8.84
N GLY B 202 -25.39 -7.19 -8.63
CA GLY B 202 -24.15 -7.93 -8.44
C GLY B 202 -23.40 -8.27 -9.70
N SER B 203 -24.01 -8.05 -10.86
CA SER B 203 -23.44 -8.33 -12.16
C SER B 203 -22.86 -7.06 -12.76
N SER B 204 -21.93 -7.27 -13.69
CA SER B 204 -21.38 -6.18 -14.48
C SER B 204 -22.34 -5.84 -15.61
N TYR B 205 -23.07 -4.73 -15.45
CA TYR B 205 -23.95 -4.26 -16.52
C TYR B 205 -23.15 -3.58 -17.64
N PHE B 206 -22.08 -2.86 -17.31
CA PHE B 206 -21.29 -2.18 -18.32
C PHE B 206 -19.91 -1.91 -17.75
N TYR B 207 -18.88 -2.14 -18.56
CA TYR B 207 -17.51 -1.81 -18.17
C TYR B 207 -16.86 -1.20 -19.40
N GLY B 208 -16.52 0.08 -19.35
CA GLY B 208 -15.91 0.75 -20.50
C GLY B 208 -15.79 2.24 -20.26
N THR B 209 -15.64 2.97 -21.36
CA THR B 209 -15.57 4.42 -21.27
C THR B 209 -16.94 5.04 -21.45
N PHE B 210 -17.05 6.31 -21.10
CA PHE B 210 -18.30 7.02 -21.27
C PHE B 210 -18.71 7.07 -22.74
N SER B 211 -17.75 7.26 -23.65
CA SER B 211 -18.11 7.30 -25.06
C SER B 211 -18.76 5.99 -25.51
N GLU B 212 -18.27 4.86 -25.00
CA GLU B 212 -18.87 3.58 -25.35
C GLU B 212 -20.24 3.43 -24.71
N LEU B 213 -20.40 3.99 -23.51
CA LEU B 213 -21.61 3.77 -22.73
C LEU B 213 -22.85 4.11 -23.54
N GLN B 214 -23.01 5.40 -23.89
CA GLN B 214 -24.17 5.84 -24.65
C GLN B 214 -24.41 4.96 -25.87
N ASN B 215 -23.35 4.63 -26.60
CA ASN B 215 -23.50 3.81 -27.80
C ASN B 215 -23.97 2.40 -27.45
N LEU B 216 -23.27 1.72 -26.53
CA LEU B 216 -23.46 0.29 -26.35
C LEU B 216 -24.68 -0.02 -25.48
N GLN B 217 -24.93 0.77 -24.43
CA GLN B 217 -26.08 0.60 -23.55
C GLN B 217 -26.86 1.90 -23.50
N PRO B 218 -27.73 2.16 -24.49
CA PRO B 218 -28.34 3.51 -24.57
C PRO B 218 -29.26 3.87 -23.40
N ASP B 219 -30.00 2.91 -22.84
CA ASP B 219 -30.86 3.22 -21.69
C ASP B 219 -30.17 2.96 -20.36
N PHE B 220 -28.85 3.13 -20.31
CA PHE B 220 -28.10 2.85 -19.10
C PHE B 220 -28.55 3.66 -17.89
N SER B 221 -29.13 4.85 -18.10
CA SER B 221 -29.37 5.69 -16.92
C SER B 221 -30.43 5.07 -16.01
N SER B 222 -31.27 4.19 -16.54
CA SER B 222 -32.21 3.46 -15.70
C SER B 222 -31.50 2.65 -14.62
N LYS B 223 -30.29 2.14 -14.91
CA LYS B 223 -29.56 1.32 -13.95
C LYS B 223 -28.76 2.14 -12.96
N LEU B 224 -28.82 3.46 -13.04
CA LEU B 224 -28.00 4.33 -12.20
C LEU B 224 -28.74 4.87 -10.99
N MET B 225 -30.06 4.73 -10.95
CA MET B 225 -30.87 5.49 -10.01
C MET B 225 -31.66 4.60 -9.06
N GLY B 226 -31.97 5.11 -7.89
CA GLY B 226 -32.70 4.35 -6.90
C GLY B 226 -31.86 3.35 -6.09
PG ATP C . 19.57 -17.58 -2.79
O1G ATP C . 19.95 -17.82 -1.33
O2G ATP C . 19.13 -16.18 -3.17
O3G ATP C . 20.55 -18.16 -3.71
PB ATP C . 16.77 -18.44 -2.62
O1B ATP C . 16.51 -19.22 -1.37
O2B ATP C . 16.31 -17.01 -2.76
O3B ATP C . 18.32 -18.58 -3.08
PA ATP C . 15.01 -18.83 -4.95
O1A ATP C . 15.66 -17.78 -5.79
O2A ATP C . 13.63 -18.66 -4.38
O3A ATP C . 16.07 -19.27 -3.80
O5' ATP C . 15.17 -20.18 -5.78
C5' ATP C . 14.28 -21.24 -5.65
C4' ATP C . 14.16 -21.90 -7.00
O4' ATP C . 13.28 -21.12 -7.81
C3' ATP C . 15.45 -22.03 -7.84
O3' ATP C . 15.40 -23.29 -8.49
C2' ATP C . 15.45 -20.93 -8.90
O2' ATP C . 15.99 -21.29 -10.17
C1' ATP C . 13.94 -20.71 -9.05
N9 ATP C . 13.51 -19.34 -9.34
C8 ATP C . 13.74 -18.23 -8.61
N7 ATP C . 13.19 -17.15 -9.22
C5 ATP C . 12.60 -17.59 -10.38
C6 ATP C . 11.85 -16.96 -11.48
N6 ATP C . 11.62 -15.63 -11.46
N1 ATP C . 11.41 -17.76 -12.49
C2 ATP C . 11.65 -19.10 -12.50
N3 ATP C . 12.34 -19.75 -11.52
C4 ATP C . 12.82 -19.04 -10.45
H5'1 ATP C . 14.64 -21.95 -4.90
H5'2 ATP C . 13.30 -20.88 -5.32
H4' ATP C . 13.82 -22.92 -6.76
H3' ATP C . 16.34 -21.95 -7.21
HO3' ATP C . 16.25 -23.47 -8.91
H2' ATP C . 16.08 -20.08 -8.60
HO2' ATP C . 16.81 -20.81 -10.31
H1' ATP C . 13.68 -21.32 -9.93
H8 ATP C . 14.28 -18.21 -7.68
HN61 ATP C . 11.10 -15.19 -12.22
HN62 ATP C . 11.96 -15.06 -10.71
H2 ATP C . 11.28 -19.68 -13.34
MG MG D . 17.31 -15.23 -3.10
PG ATP E . -25.74 1.41 -1.46
O1G ATP E . -25.76 2.27 -2.74
O2G ATP E . -24.63 1.82 -0.53
O3G ATP E . -27.02 1.33 -0.71
PB ATP E . -24.23 -0.89 -2.42
O1B ATP E . -24.25 -1.04 -3.90
O2B ATP E . -23.03 -0.35 -1.68
O3B ATP E . -25.56 -0.13 -1.90
PA ATP E . -23.74 -3.33 -0.85
O1A ATP E . -23.66 -2.65 0.46
O2A ATP E . -22.52 -3.89 -1.51
O3A ATP E . -24.61 -2.37 -1.86
O5' ATP E . -24.82 -4.50 -0.70
C5' ATP E . -24.96 -5.49 -1.70
C4' ATP E . -25.76 -6.64 -1.08
O4' ATP E . -24.96 -7.29 -0.06
C3' ATP E . -27.08 -6.25 -0.40
O3' ATP E . -28.05 -7.29 -0.64
C2' ATP E . -26.73 -6.16 1.09
O2' ATP E . -27.77 -6.63 1.91
C1' ATP E . -25.59 -7.14 1.26
N9 ATP E . -24.52 -6.82 2.22
C8 ATP E . -23.69 -5.75 2.18
N7 ATP E . -22.80 -5.79 3.22
C5 ATP E . -23.08 -6.92 3.92
C6 ATP E . -22.52 -7.57 5.12
N6 ATP E . -21.48 -6.99 5.78
N1 ATP E . -23.08 -8.73 5.54
C2 ATP E . -24.12 -9.30 4.89
N3 ATP E . -24.67 -8.78 3.78
C4 ATP E . -24.20 -7.60 3.28
H5'1 ATP E . -25.49 -5.09 -2.58
H5'2 ATP E . -23.98 -5.85 -2.03
H4' ATP E . -26.01 -7.29 -1.94
H3' ATP E . -27.51 -5.30 -0.77
HO3' ATP E . -28.90 -7.02 -0.26
H2' ATP E . -26.52 -5.12 1.37
HO2' ATP E . -28.55 -6.07 1.78
H1' ATP E . -26.08 -8.03 1.68
H8 ATP E . -23.74 -4.97 1.44
HN61 ATP E . -21.09 -6.12 5.44
HN62 ATP E . -21.10 -7.44 6.60
H2 ATP E . -24.53 -10.23 5.29
MG MG F . -22.71 1.08 -0.32
#